data_6YRQ
#
_entry.id   6YRQ
#
_cell.length_a   90.636
_cell.length_b   123.056
_cell.length_c   90.119
_cell.angle_alpha   90.000
_cell.angle_beta   90.000
_cell.angle_gamma   90.000
#
_symmetry.space_group_name_H-M   'C 2 2 21'
#
loop_
_entity.id
_entity.type
_entity.pdbx_description
1 polymer 'Envelope polyprotein'
2 polymer "RNA (5'-R(*AP*UP*UP*UP*A)-3')"
3 branched 2-acetamido-2-deoxy-beta-D-glucopyranose-(1-4)-2-acetamido-2-deoxy-beta-D-glucopyranose
4 branched beta-D-mannopyranose-(1-4)-2-acetamido-2-deoxy-beta-D-glucopyranose-(1-4)-2-acetamido-2-deoxy-beta-D-glucopyranose
5 non-polymer 2-acetamido-2-deoxy-beta-D-glucopyranose
6 non-polymer (4S)-2-METHYL-2,4-PENTANEDIOL
7 water water
#
loop_
_entity_poly.entity_id
_entity_poly.type
_entity_poly.pdbx_seq_one_letter_code
_entity_poly.pdbx_strand_id
1 'polypeptide(L)'
;KVTGCTVFCTLAGPGASCEAYSENGIFNISSPTCLVNKVQRFRGSEQKINFICQRVDQDVVVYCNGQKKVILTKTLVIGQ
CIYTFTSLFSLMPDVAHSLAVELCVPGLHGGPFEDDDDKAGWSHPQFEKGGGSGGGSGGGSWSHPQFEK
;
A,B,C,D
2 'polyribonucleotide' AUUUA E,F,G,H
#
# COMPACT_ATOMS: atom_id res chain seq x y z
N CYS A 5 19.54 6.65 -11.07
CA CYS A 5 18.15 6.50 -11.48
C CYS A 5 17.22 7.33 -10.57
N THR A 6 15.93 7.05 -10.56
CA THR A 6 14.98 7.78 -9.72
C THR A 6 14.50 6.90 -8.57
N VAL A 7 14.42 7.46 -7.36
CA VAL A 7 13.95 6.72 -6.19
C VAL A 7 12.83 7.48 -5.53
N PHE A 8 11.71 6.80 -5.26
CA PHE A 8 10.58 7.36 -4.56
C PHE A 8 10.14 6.39 -3.48
N CYS A 9 10.04 6.88 -2.23
CA CYS A 9 9.63 6.07 -1.10
C CYS A 9 8.53 6.76 -0.33
N THR A 10 7.67 5.97 0.30
CA THR A 10 6.73 6.48 1.28
C THR A 10 6.86 5.67 2.56
N LEU A 11 6.31 6.18 3.64
CA LEU A 11 6.52 5.55 4.92
C LEU A 11 5.66 4.30 5.04
N ALA A 12 6.19 3.30 5.73
CA ALA A 12 5.49 2.02 5.89
C ALA A 12 5.90 1.47 7.25
N GLY A 13 4.98 1.52 8.21
CA GLY A 13 5.30 1.09 9.56
C GLY A 13 6.51 1.86 10.08
N PRO A 14 7.52 1.13 10.56
CA PRO A 14 8.73 1.81 11.04
C PRO A 14 9.69 2.21 9.92
N GLY A 15 9.38 1.87 8.68
CA GLY A 15 10.35 1.97 7.60
C GLY A 15 9.76 2.69 6.40
N ALA A 16 10.08 2.17 5.21
CA ALA A 16 9.65 2.81 3.98
C ALA A 16 9.43 1.73 2.92
N SER A 17 8.49 2.03 2.02
CA SER A 17 8.25 1.23 0.82
C SER A 17 8.72 2.05 -0.36
N CYS A 18 9.58 1.47 -1.20
CA CYS A 18 10.29 2.26 -2.19
C CYS A 18 10.18 1.64 -3.58
N GLU A 19 10.45 2.48 -4.57
CA GLU A 19 10.63 2.07 -5.95
C GLU A 19 11.86 2.78 -6.52
N ALA A 20 12.69 2.03 -7.24
CA ALA A 20 13.70 2.63 -8.10
C ALA A 20 13.29 2.47 -9.56
N TYR A 21 13.59 3.49 -10.36
CA TYR A 21 13.13 3.58 -11.74
C TYR A 21 14.24 4.20 -12.58
N SER A 22 14.51 3.60 -13.74
CA SER A 22 15.46 4.18 -14.69
C SER A 22 14.94 3.96 -16.09
N GLU A 23 14.86 5.06 -16.85
CA GLU A 23 14.29 5.01 -18.19
C GLU A 23 14.91 3.89 -19.03
N ASN A 24 16.23 3.72 -18.93
CA ASN A 24 16.93 2.74 -19.77
C ASN A 24 17.25 1.46 -19.02
N GLY A 25 16.58 1.20 -17.92
CA GLY A 25 16.78 -0.06 -17.24
C GLY A 25 17.70 0.06 -16.04
N ILE A 26 17.47 -0.79 -15.05
CA ILE A 26 18.26 -0.83 -13.83
C ILE A 26 19.20 -2.03 -13.94
N PHE A 27 20.50 -1.74 -14.06
CA PHE A 27 21.53 -2.76 -14.24
C PHE A 27 22.15 -3.20 -12.91
N ASN A 28 22.33 -2.26 -11.99
CA ASN A 28 22.87 -2.51 -10.66
C ASN A 28 22.02 -1.75 -9.66
N ILE A 29 21.75 -2.36 -8.50
CA ILE A 29 21.11 -1.65 -7.40
C ILE A 29 21.42 -2.37 -6.09
N SER A 30 21.68 -1.60 -5.04
CA SER A 30 22.01 -2.13 -3.72
C SER A 30 21.79 -1.04 -2.70
N SER A 31 21.86 -1.42 -1.41
CA SER A 31 21.55 -0.46 -0.35
C SER A 31 22.08 -0.96 0.99
N PRO A 32 22.72 -0.11 1.78
CA PRO A 32 23.14 -0.53 3.13
C PRO A 32 21.98 -0.77 4.09
N THR A 33 20.81 -0.17 3.86
CA THR A 33 19.70 -0.26 4.81
C THR A 33 18.40 -0.78 4.21
N CYS A 34 18.35 -1.10 2.92
CA CYS A 34 17.11 -1.57 2.33
C CYS A 34 17.33 -2.96 1.72
N LEU A 35 16.24 -3.70 1.56
CA LEU A 35 16.32 -5.09 1.12
C LEU A 35 16.28 -5.13 -0.41
N VAL A 36 17.41 -4.78 -1.02
CA VAL A 36 17.51 -4.77 -2.48
C VAL A 36 18.97 -5.01 -2.88
N ASN A 37 19.17 -5.96 -3.80
CA ASN A 37 20.53 -6.29 -4.22
C ASN A 37 20.43 -7.00 -5.57
N LYS A 38 20.76 -6.28 -6.65
CA LYS A 38 20.81 -6.86 -7.99
C LYS A 38 22.12 -6.50 -8.67
N VAL A 39 22.75 -7.49 -9.32
CA VAL A 39 24.01 -7.27 -10.03
C VAL A 39 23.95 -7.75 -11.47
N SER A 45 17.46 -7.11 -16.60
CA SER A 45 17.39 -5.65 -16.48
C SER A 45 15.99 -5.13 -16.75
N GLU A 46 15.41 -4.42 -15.77
N GLU A 46 15.44 -4.40 -15.78
CA GLU A 46 14.08 -3.86 -15.89
CA GLU A 46 14.09 -3.87 -15.84
C GLU A 46 14.12 -2.37 -15.59
C GLU A 46 14.11 -2.37 -15.56
N GLN A 47 13.03 -1.69 -15.95
CA GLN A 47 12.95 -0.24 -15.69
C GLN A 47 12.71 0.06 -14.22
N LYS A 48 12.09 -0.87 -13.49
CA LYS A 48 11.53 -0.57 -12.18
C LYS A 48 11.74 -1.75 -11.24
N ILE A 49 12.12 -1.44 -10.00
CA ILE A 49 12.17 -2.43 -8.93
C ILE A 49 11.56 -1.81 -7.68
N ASN A 50 10.73 -2.59 -6.99
CA ASN A 50 10.16 -2.17 -5.72
C ASN A 50 10.89 -2.88 -4.59
N PHE A 51 11.12 -2.17 -3.50
CA PHE A 51 11.82 -2.75 -2.37
C PHE A 51 11.41 -2.02 -1.10
N ILE A 52 11.68 -2.63 0.04
CA ILE A 52 11.35 -2.02 1.31
C ILE A 52 12.63 -1.74 2.09
N CYS A 53 12.52 -0.81 3.02
CA CYS A 53 13.54 -0.50 4.01
C CYS A 53 12.90 -0.73 5.37
N GLN A 54 13.51 -1.58 6.19
CA GLN A 54 12.89 -1.94 7.47
C GLN A 54 12.94 -0.81 8.49
N ARG A 55 13.93 0.07 8.37
CA ARG A 55 14.06 1.21 9.27
C ARG A 55 14.41 2.44 8.46
N VAL A 56 14.07 3.62 8.99
CA VAL A 56 14.54 4.87 8.39
C VAL A 56 15.17 5.76 9.45
N ASP A 57 15.72 5.16 10.50
CA ASP A 57 16.50 5.93 11.47
C ASP A 57 17.66 6.63 10.79
N GLN A 58 18.29 5.96 9.85
CA GLN A 58 19.18 6.59 8.89
C GLN A 58 18.38 6.90 7.64
N ASP A 59 18.83 7.89 6.90
CA ASP A 59 18.23 8.18 5.61
C ASP A 59 18.34 6.96 4.68
N VAL A 60 17.44 6.91 3.70
CA VAL A 60 17.43 5.85 2.71
C VAL A 60 18.55 6.12 1.70
N VAL A 61 19.53 5.20 1.65
CA VAL A 61 20.67 5.30 0.74
C VAL A 61 20.61 4.14 -0.24
N VAL A 62 20.60 4.45 -1.53
CA VAL A 62 20.49 3.47 -2.60
C VAL A 62 21.57 3.75 -3.63
N TYR A 63 22.31 2.72 -4.00
CA TYR A 63 23.20 2.78 -5.15
C TYR A 63 22.49 2.19 -6.35
N CYS A 64 22.41 2.97 -7.43
CA CYS A 64 21.67 2.57 -8.62
C CYS A 64 22.46 2.98 -9.84
N ASN A 65 22.88 2.00 -10.63
CA ASN A 65 23.60 2.25 -11.88
C ASN A 65 24.85 3.11 -11.67
N GLY A 66 25.60 2.81 -10.60
CA GLY A 66 26.80 3.56 -10.30
C GLY A 66 26.58 4.94 -9.73
N GLN A 67 25.34 5.33 -9.44
CA GLN A 67 24.99 6.62 -8.86
C GLN A 67 24.53 6.41 -7.42
N LYS A 68 24.91 7.33 -6.54
CA LYS A 68 24.47 7.29 -5.15
C LYS A 68 23.23 8.15 -4.96
N LYS A 69 22.17 7.54 -4.43
CA LYS A 69 20.92 8.23 -4.17
C LYS A 69 20.65 8.27 -2.66
N VAL A 70 20.33 9.45 -2.15
CA VAL A 70 19.95 9.65 -0.75
C VAL A 70 18.58 10.34 -0.70
N ILE A 71 17.59 9.66 -0.16
CA ILE A 71 16.31 10.28 0.19
C ILE A 71 16.31 10.46 1.70
N LEU A 72 16.34 11.72 2.15
CA LEU A 72 16.40 11.99 3.57
C LEU A 72 15.10 11.58 4.26
N THR A 73 15.22 11.04 5.47
CA THR A 73 14.03 10.77 6.27
C THR A 73 13.18 12.04 6.43
N LYS A 74 13.85 13.18 6.64
CA LYS A 74 13.17 14.47 6.64
C LYS A 74 12.30 14.66 5.41
N THR A 75 12.81 14.30 4.23
CA THR A 75 12.03 14.42 3.00
C THR A 75 10.83 13.47 3.03
N LEU A 76 11.05 12.22 3.45
CA LEU A 76 9.96 11.27 3.61
C LEU A 76 8.86 11.83 4.50
N VAL A 77 9.25 12.50 5.60
CA VAL A 77 8.24 13.01 6.54
C VAL A 77 7.48 14.17 5.93
N ILE A 78 8.16 15.04 5.20
CA ILE A 78 7.47 16.08 4.45
C ILE A 78 6.41 15.46 3.55
N GLY A 79 6.77 14.38 2.84
CA GLY A 79 5.79 13.73 1.99
C GLY A 79 4.63 13.13 2.78
N GLN A 80 4.90 12.62 3.98
CA GLN A 80 3.84 12.10 4.81
C GLN A 80 2.97 13.22 5.37
N CYS A 81 3.59 14.36 5.68
CA CYS A 81 2.83 15.56 6.04
C CYS A 81 1.82 15.91 4.96
N ILE A 82 2.27 15.96 3.70
CA ILE A 82 1.37 16.25 2.59
C ILE A 82 0.21 15.25 2.56
N TYR A 83 0.51 13.97 2.68
CA TYR A 83 -0.54 12.95 2.74
C TYR A 83 -1.51 13.24 3.90
N THR A 84 -0.97 13.46 5.09
CA THR A 84 -1.83 13.57 6.28
C THR A 84 -2.72 14.81 6.19
N PHE A 85 -2.15 15.95 5.77
CA PHE A 85 -2.97 17.14 5.74
C PHE A 85 -3.88 17.17 4.53
N THR A 86 -3.52 16.45 3.45
CA THR A 86 -4.51 16.30 2.38
C THR A 86 -5.74 15.55 2.89
N SER A 87 -5.54 14.46 3.64
CA SER A 87 -6.69 13.75 4.21
C SER A 87 -7.48 14.63 5.16
N LEU A 88 -6.78 15.38 6.02
CA LEU A 88 -7.46 16.25 6.97
C LEU A 88 -8.37 17.28 6.26
N PHE A 89 -7.91 17.83 5.13
CA PHE A 89 -8.67 18.86 4.41
C PHE A 89 -9.54 18.29 3.30
N SER A 90 -9.79 16.97 3.31
CA SER A 90 -10.29 16.34 2.10
C SER A 90 -11.78 16.61 1.84
N LEU A 91 -12.48 17.27 2.75
CA LEU A 91 -13.83 17.74 2.41
C LEU A 91 -13.80 18.97 1.53
N MET A 92 -12.63 19.49 1.22
CA MET A 92 -12.47 20.64 0.33
C MET A 92 -11.51 20.20 -0.75
N PRO A 93 -11.94 19.29 -1.62
CA PRO A 93 -10.99 18.59 -2.50
C PRO A 93 -10.32 19.48 -3.53
N ASP A 94 -10.87 20.67 -3.80
CA ASP A 94 -10.27 21.58 -4.78
C ASP A 94 -8.98 22.20 -4.26
N VAL A 95 -8.77 22.27 -2.96
CA VAL A 95 -7.64 23.03 -2.43
C VAL A 95 -6.87 22.21 -1.40
N ALA A 96 -7.40 21.05 -1.00
CA ALA A 96 -6.75 20.26 0.06
C ALA A 96 -5.29 19.93 -0.26
N HIS A 97 -4.99 19.52 -1.49
CA HIS A 97 -3.62 19.16 -1.77
C HIS A 97 -2.70 20.36 -1.68
N SER A 98 -3.08 21.48 -2.32
CA SER A 98 -2.20 22.64 -2.32
C SER A 98 -2.08 23.26 -0.94
N LEU A 99 -3.16 23.22 -0.15
CA LEU A 99 -3.09 23.65 1.23
C LEU A 99 -2.06 22.82 2.00
N ALA A 100 -2.10 21.50 1.81
CA ALA A 100 -1.16 20.62 2.51
C ALA A 100 0.28 20.89 2.08
N VAL A 101 0.51 21.13 0.78
CA VAL A 101 1.86 21.47 0.33
C VAL A 101 2.32 22.77 0.99
N GLU A 102 1.42 23.75 1.10
CA GLU A 102 1.81 25.05 1.66
C GLU A 102 2.17 24.96 3.13
N LEU A 103 1.45 24.13 3.90
CA LEU A 103 1.77 23.96 5.31
C LEU A 103 3.03 23.12 5.50
N CYS A 104 3.21 22.10 4.66
CA CYS A 104 4.17 21.04 4.96
C CYS A 104 5.57 21.23 4.39
N VAL A 105 5.75 22.06 3.36
CA VAL A 105 7.04 22.16 2.67
C VAL A 105 7.79 23.36 3.25
N PRO A 106 8.92 23.15 3.95
CA PRO A 106 9.61 24.28 4.61
C PRO A 106 9.88 25.47 3.70
N GLY A 107 10.24 25.22 2.45
CA GLY A 107 10.56 26.31 1.54
C GLY A 107 9.37 26.93 0.84
N LEU A 108 8.28 27.15 1.57
CA LEU A 108 7.08 27.79 1.02
C LEU A 108 6.36 28.64 2.07
N CYS B 5 -11.22 -19.81 -4.51
CA CYS B 5 -9.93 -19.60 -3.86
C CYS B 5 -10.13 -18.73 -2.62
N THR B 6 -9.08 -18.05 -2.16
CA THR B 6 -9.13 -17.15 -1.02
C THR B 6 -8.98 -15.72 -1.54
N VAL B 7 -9.82 -14.80 -1.05
CA VAL B 7 -9.77 -13.40 -1.46
C VAL B 7 -9.61 -12.55 -0.19
N PHE B 8 -8.65 -11.63 -0.23
CA PHE B 8 -8.38 -10.70 0.86
C PHE B 8 -8.24 -9.31 0.27
N CYS B 9 -9.02 -8.36 0.79
CA CYS B 9 -9.00 -6.99 0.33
C CYS B 9 -8.91 -6.05 1.52
N THR B 10 -8.22 -4.93 1.31
CA THR B 10 -8.26 -3.80 2.22
C THR B 10 -8.74 -2.57 1.47
N LEU B 11 -9.19 -1.56 2.22
CA LEU B 11 -9.74 -0.37 1.59
C LEU B 11 -8.62 0.47 1.01
N ALA B 12 -8.90 1.10 -0.13
CA ALA B 12 -7.92 1.96 -0.79
C ALA B 12 -8.69 3.08 -1.45
N GLY B 13 -8.51 4.30 -0.97
CA GLY B 13 -9.27 5.42 -1.47
C GLY B 13 -10.74 5.12 -1.39
N PRO B 14 -11.47 5.29 -2.51
CA PRO B 14 -12.90 5.00 -2.55
C PRO B 14 -13.24 3.54 -2.80
N GLY B 15 -12.25 2.69 -3.00
CA GLY B 15 -12.47 1.31 -3.41
C GLY B 15 -11.63 0.38 -2.57
N ALA B 16 -11.02 -0.60 -3.23
CA ALA B 16 -10.30 -1.63 -2.50
C ALA B 16 -9.14 -2.18 -3.31
N SER B 17 -8.17 -2.71 -2.59
CA SER B 17 -7.00 -3.38 -3.14
C SER B 17 -7.05 -4.82 -2.65
N CYS B 18 -6.95 -5.76 -3.58
CA CYS B 18 -7.30 -7.14 -3.30
C CYS B 18 -6.18 -8.07 -3.73
N GLU B 19 -6.18 -9.24 -3.11
CA GLU B 19 -5.36 -10.36 -3.52
C GLU B 19 -6.24 -11.59 -3.59
N ALA B 20 -6.11 -12.35 -4.68
CA ALA B 20 -6.70 -13.67 -4.78
C ALA B 20 -5.58 -14.69 -4.69
N TYR B 21 -5.83 -15.78 -3.98
CA TYR B 21 -4.81 -16.77 -3.69
C TYR B 21 -5.41 -18.16 -3.73
N SER B 22 -4.73 -19.07 -4.43
CA SER B 22 -5.07 -20.48 -4.35
C SER B 22 -3.77 -21.27 -4.38
N GLU B 23 -3.62 -22.17 -3.40
CA GLU B 23 -2.34 -22.85 -3.24
C GLU B 23 -2.00 -23.69 -4.46
N ASN B 24 -3.01 -24.28 -5.09
CA ASN B 24 -2.79 -25.12 -6.26
C ASN B 24 -2.91 -24.35 -7.57
N GLY B 25 -2.97 -23.02 -7.51
CA GLY B 25 -2.96 -22.22 -8.70
C GLY B 25 -4.33 -21.64 -9.03
N ILE B 26 -4.31 -20.41 -9.54
CA ILE B 26 -5.51 -19.71 -10.02
C ILE B 26 -5.59 -19.89 -11.53
N PHE B 27 -6.60 -20.63 -11.98
CA PHE B 27 -6.79 -20.96 -13.39
C PHE B 27 -7.67 -19.96 -14.13
N ASN B 28 -8.65 -19.37 -13.45
CA ASN B 28 -9.50 -18.34 -14.03
C ASN B 28 -10.01 -17.47 -12.90
N ILE B 29 -10.23 -16.19 -13.20
CA ILE B 29 -10.67 -15.23 -12.20
C ILE B 29 -11.26 -14.04 -12.93
N SER B 30 -12.41 -13.57 -12.45
CA SER B 30 -13.07 -12.41 -13.04
C SER B 30 -13.89 -11.71 -11.97
N SER B 31 -14.37 -10.51 -12.29
CA SER B 31 -15.14 -9.74 -11.33
C SER B 31 -16.05 -8.74 -12.04
N PRO B 32 -17.33 -8.66 -11.66
CA PRO B 32 -18.17 -7.56 -12.18
C PRO B 32 -17.85 -6.19 -11.59
N THR B 33 -17.12 -6.13 -10.47
CA THR B 33 -16.82 -4.85 -9.83
C THR B 33 -15.36 -4.47 -9.83
N CYS B 34 -14.46 -5.40 -10.13
CA CYS B 34 -13.03 -5.14 -9.97
C CYS B 34 -12.31 -5.38 -11.29
N LEU B 35 -11.12 -4.80 -11.40
CA LEU B 35 -10.34 -4.85 -12.63
C LEU B 35 -9.51 -6.14 -12.65
N VAL B 36 -10.21 -7.25 -12.87
CA VAL B 36 -9.55 -8.55 -13.04
C VAL B 36 -10.41 -9.42 -13.97
N ASN B 37 -9.77 -10.00 -14.98
CA ASN B 37 -10.44 -10.81 -15.99
C ASN B 37 -9.39 -11.63 -16.72
N LYS B 38 -9.17 -12.88 -16.30
CA LYS B 38 -8.08 -13.70 -16.81
C LYS B 38 -8.51 -15.15 -16.93
N VAL B 39 -8.27 -15.75 -18.10
CA VAL B 39 -8.51 -17.19 -18.31
C VAL B 39 -7.29 -17.83 -18.95
N SER B 45 -0.20 -20.27 -15.12
CA SER B 45 -1.06 -20.42 -13.95
C SER B 45 -0.36 -19.95 -12.67
N GLU B 46 -0.78 -18.81 -12.15
CA GLU B 46 -0.19 -18.23 -10.94
C GLU B 46 -1.06 -18.56 -9.73
N GLN B 47 -0.43 -18.65 -8.56
CA GLN B 47 -1.20 -18.93 -7.37
C GLN B 47 -1.64 -17.66 -6.65
N LYS B 48 -1.13 -16.50 -7.04
CA LYS B 48 -1.51 -15.23 -6.43
C LYS B 48 -1.76 -14.21 -7.53
N ILE B 49 -2.82 -13.43 -7.37
CA ILE B 49 -3.20 -12.36 -8.32
C ILE B 49 -3.62 -11.14 -7.50
N ASN B 50 -3.03 -9.99 -7.80
CA ASN B 50 -3.38 -8.74 -7.14
C ASN B 50 -4.20 -7.89 -8.10
N PHE B 51 -5.25 -7.26 -7.57
CA PHE B 51 -6.10 -6.41 -8.39
C PHE B 51 -6.78 -5.39 -7.49
N ILE B 52 -7.34 -4.34 -8.12
CA ILE B 52 -8.06 -3.30 -7.41
C ILE B 52 -9.53 -3.30 -7.84
N CYS B 53 -10.35 -2.73 -6.97
CA CYS B 53 -11.76 -2.45 -7.21
C CYS B 53 -11.94 -0.95 -7.05
N GLN B 54 -12.46 -0.28 -8.09
CA GLN B 54 -12.50 1.18 -8.07
C GLN B 54 -13.51 1.73 -7.06
N ARG B 55 -14.57 0.98 -6.79
CA ARG B 55 -15.60 1.37 -5.84
C ARG B 55 -16.00 0.14 -5.05
N VAL B 56 -16.56 0.36 -3.87
CA VAL B 56 -17.09 -0.75 -3.09
C VAL B 56 -18.50 -0.39 -2.67
N ASP B 57 -19.19 0.43 -3.48
CA ASP B 57 -20.61 0.68 -3.28
C ASP B 57 -21.37 -0.63 -3.29
N GLN B 58 -21.06 -1.49 -4.24
CA GLN B 58 -21.41 -2.90 -4.20
C GLN B 58 -20.29 -3.66 -3.52
N ASP B 59 -20.66 -4.73 -2.85
CA ASP B 59 -19.66 -5.61 -2.25
C ASP B 59 -18.74 -6.17 -3.33
N VAL B 60 -17.57 -6.63 -2.90
CA VAL B 60 -16.56 -7.17 -3.81
C VAL B 60 -16.97 -8.57 -4.25
N VAL B 61 -17.22 -8.73 -5.55
CA VAL B 61 -17.63 -10.01 -6.12
C VAL B 61 -16.52 -10.52 -7.04
N VAL B 62 -16.01 -11.71 -6.73
CA VAL B 62 -14.94 -12.32 -7.49
C VAL B 62 -15.34 -13.75 -7.79
N TYR B 63 -15.30 -14.11 -9.06
CA TYR B 63 -15.40 -15.51 -9.49
C TYR B 63 -14.00 -16.05 -9.66
N CYS B 64 -13.67 -17.13 -8.93
CA CYS B 64 -12.32 -17.68 -8.92
C CYS B 64 -12.38 -19.20 -8.91
N ASN B 65 -11.81 -19.82 -9.95
CA ASN B 65 -11.79 -21.28 -10.10
C ASN B 65 -13.20 -21.87 -10.02
N GLY B 66 -14.15 -21.20 -10.66
CA GLY B 66 -15.53 -21.64 -10.68
C GLY B 66 -16.36 -21.27 -9.47
N GLN B 67 -15.76 -20.68 -8.44
CA GLN B 67 -16.46 -20.39 -7.19
C GLN B 67 -16.74 -18.90 -7.10
N LYS B 68 -17.97 -18.55 -6.76
CA LYS B 68 -18.32 -17.16 -6.52
C LYS B 68 -17.91 -16.78 -5.10
N LYS B 69 -17.15 -15.70 -4.98
CA LYS B 69 -16.78 -15.17 -3.67
C LYS B 69 -17.33 -13.76 -3.53
N VAL B 70 -17.87 -13.46 -2.35
CA VAL B 70 -18.42 -12.15 -2.03
C VAL B 70 -17.79 -11.72 -0.72
N ILE B 71 -17.01 -10.65 -0.77
CA ILE B 71 -16.49 -10.00 0.42
C ILE B 71 -17.33 -8.74 0.59
N LEU B 72 -18.15 -8.73 1.64
CA LEU B 72 -19.03 -7.61 1.87
C LEU B 72 -18.21 -6.36 2.20
N THR B 73 -18.71 -5.22 1.74
CA THR B 73 -18.13 -3.95 2.16
C THR B 73 -18.18 -3.82 3.68
N LYS B 74 -19.24 -4.31 4.32
CA LYS B 74 -19.31 -4.34 5.78
C LYS B 74 -18.09 -5.05 6.35
N THR B 75 -17.73 -6.20 5.76
CA THR B 75 -16.58 -6.93 6.24
C THR B 75 -15.30 -6.15 6.06
N LEU B 76 -15.18 -5.43 4.94
CA LEU B 76 -14.02 -4.59 4.73
C LEU B 76 -13.92 -3.49 5.76
N VAL B 77 -15.06 -2.90 6.13
CA VAL B 77 -15.04 -1.81 7.10
C VAL B 77 -14.67 -2.33 8.48
N ILE B 78 -15.16 -3.52 8.84
CA ILE B 78 -14.74 -4.15 10.08
C ILE B 78 -13.21 -4.29 10.11
N GLY B 79 -12.61 -4.70 8.99
CA GLY B 79 -11.16 -4.82 8.95
C GLY B 79 -10.47 -3.48 9.06
N GLN B 80 -11.04 -2.44 8.45
CA GLN B 80 -10.46 -1.10 8.59
C GLN B 80 -10.60 -0.61 10.03
N CYS B 81 -11.71 -0.95 10.67
CA CYS B 81 -11.89 -0.64 12.10
C CYS B 81 -10.74 -1.19 12.91
N ILE B 82 -10.41 -2.47 12.70
CA ILE B 82 -9.30 -3.08 13.42
C ILE B 82 -8.01 -2.32 13.17
N TYR B 83 -7.74 -1.97 11.91
CA TYR B 83 -6.52 -1.23 11.60
C TYR B 83 -6.48 0.09 12.35
N THR B 84 -7.58 0.86 12.28
CA THR B 84 -7.66 2.19 12.88
C THR B 84 -7.55 2.14 14.39
N PHE B 85 -8.25 1.22 15.03
CA PHE B 85 -8.17 1.21 16.48
C PHE B 85 -6.87 0.59 16.96
N THR B 86 -6.31 -0.36 16.23
CA THR B 86 -4.96 -0.82 16.56
C THR B 86 -4.00 0.37 16.58
N SER B 87 -4.06 1.24 15.56
CA SER B 87 -3.18 2.42 15.52
C SER B 87 -3.46 3.35 16.70
N LEU B 88 -4.72 3.58 17.01
CA LEU B 88 -5.07 4.46 18.12
C LEU B 88 -4.51 3.94 19.45
N PHE B 89 -4.51 2.62 19.63
CA PHE B 89 -4.01 2.02 20.86
C PHE B 89 -2.53 1.63 20.78
N SER B 90 -1.80 2.11 19.78
CA SER B 90 -0.49 1.53 19.49
C SER B 90 0.59 1.89 20.51
N LEU B 91 0.32 2.76 21.50
CA LEU B 91 1.28 2.92 22.58
C LEU B 91 1.17 1.82 23.63
N MET B 92 0.17 0.95 23.50
CA MET B 92 0.02 -0.25 24.32
C MET B 92 0.10 -1.47 23.39
N PRO B 93 1.29 -1.75 22.86
CA PRO B 93 1.36 -2.68 21.72
C PRO B 93 1.05 -4.12 22.08
N ASP B 94 1.11 -4.49 23.37
CA ASP B 94 0.73 -5.84 23.80
C ASP B 94 -0.78 -6.09 23.69
N VAL B 95 -1.61 -5.05 23.80
CA VAL B 95 -3.06 -5.22 23.82
C VAL B 95 -3.78 -4.52 22.67
N ALA B 96 -3.11 -3.67 21.89
CA ALA B 96 -3.79 -2.85 20.90
C ALA B 96 -4.60 -3.69 19.92
N HIS B 97 -3.99 -4.73 19.34
CA HIS B 97 -4.72 -5.51 18.35
C HIS B 97 -5.94 -6.21 18.96
N SER B 98 -5.77 -6.85 20.11
CA SER B 98 -6.89 -7.57 20.69
C SER B 98 -7.99 -6.61 21.16
N LEU B 99 -7.62 -5.44 21.69
CA LEU B 99 -8.61 -4.44 22.00
C LEU B 99 -9.38 -3.99 20.77
N ALA B 100 -8.68 -3.78 19.65
CA ALA B 100 -9.36 -3.33 18.43
C ALA B 100 -10.34 -4.39 17.91
N VAL B 101 -9.95 -5.66 17.99
CA VAL B 101 -10.84 -6.74 17.56
C VAL B 101 -12.09 -6.79 18.44
N GLU B 102 -11.90 -6.68 19.75
CA GLU B 102 -13.03 -6.70 20.68
C GLU B 102 -14.02 -5.58 20.37
N LEU B 103 -13.52 -4.38 20.07
CA LEU B 103 -14.41 -3.26 19.77
C LEU B 103 -15.05 -3.38 18.40
N CYS B 104 -14.32 -3.92 17.42
CA CYS B 104 -14.69 -3.76 16.02
C CYS B 104 -15.54 -4.89 15.45
N VAL B 105 -15.49 -6.09 16.01
CA VAL B 105 -16.15 -7.25 15.43
C VAL B 105 -17.50 -7.43 16.10
N PRO B 106 -18.62 -7.31 15.36
CA PRO B 106 -19.93 -7.28 16.03
C PRO B 106 -20.27 -8.51 16.84
N GLY B 107 -20.04 -9.71 16.30
CA GLY B 107 -20.49 -10.91 16.98
C GLY B 107 -19.48 -11.55 17.90
N LEU B 108 -19.08 -10.82 18.94
CA LEU B 108 -18.07 -11.32 19.86
C LEU B 108 -18.51 -11.16 21.31
N CYS C 5 17.11 -15.54 5.95
CA CYS C 5 15.84 -15.06 5.40
C CYS C 5 15.19 -14.01 6.31
N THR C 6 14.81 -12.89 5.73
CA THR C 6 14.30 -11.72 6.43
C THR C 6 12.81 -11.58 6.16
N VAL C 7 12.03 -11.27 7.20
CA VAL C 7 10.59 -11.05 7.05
C VAL C 7 10.25 -9.66 7.59
N PHE C 8 9.49 -8.90 6.81
CA PHE C 8 9.03 -7.58 7.21
C PHE C 8 7.56 -7.47 6.85
N CYS C 9 6.73 -7.06 7.83
CA CYS C 9 5.31 -6.87 7.61
C CYS C 9 4.89 -5.52 8.17
N THR C 10 3.83 -4.97 7.58
CA THR C 10 3.08 -3.84 8.13
C THR C 10 1.61 -4.24 8.26
N LEU C 11 0.87 -3.49 9.08
CA LEU C 11 -0.53 -3.83 9.29
C LEU C 11 -1.36 -3.52 8.03
N ALA C 12 -2.34 -4.38 7.77
CA ALA C 12 -3.22 -4.14 6.62
C ALA C 12 -4.61 -4.61 7.01
N GLY C 13 -5.53 -3.67 7.17
CA GLY C 13 -6.85 -4.01 7.67
C GLY C 13 -6.75 -4.81 8.95
N PRO C 14 -7.39 -5.98 8.97
CA PRO C 14 -7.36 -6.85 10.16
C PRO C 14 -6.10 -7.68 10.26
N GLY C 15 -5.26 -7.68 9.23
CA GLY C 15 -4.13 -8.58 9.17
C GLY C 15 -2.82 -7.89 8.86
N ALA C 16 -2.03 -8.45 7.94
CA ALA C 16 -0.70 -7.93 7.69
C ALA C 16 -0.35 -8.14 6.23
N SER C 17 0.41 -7.20 5.68
CA SER C 17 1.03 -7.33 4.37
C SER C 17 2.52 -7.50 4.57
N CYS C 18 3.11 -8.55 3.94
CA CYS C 18 4.44 -9.00 4.33
C CYS C 18 5.33 -9.24 3.12
N GLU C 19 6.63 -9.27 3.40
CA GLU C 19 7.63 -9.66 2.43
C GLU C 19 8.63 -10.59 3.09
N ALA C 20 9.03 -11.64 2.38
CA ALA C 20 10.15 -12.48 2.77
C ALA C 20 11.27 -12.23 1.76
N TYR C 21 12.50 -12.09 2.26
CA TYR C 21 13.63 -11.68 1.44
C TYR C 21 14.86 -12.50 1.81
N SER C 22 15.56 -13.00 0.79
CA SER C 22 16.83 -13.69 1.01
C SER C 22 17.73 -13.38 -0.18
N GLU C 23 18.86 -12.73 0.09
CA GLU C 23 19.74 -12.26 -0.96
C GLU C 23 20.10 -13.38 -1.93
N ASN C 24 20.35 -14.57 -1.42
CA ASN C 24 20.71 -15.71 -2.26
C ASN C 24 19.51 -16.55 -2.66
N GLY C 25 18.30 -16.07 -2.43
CA GLY C 25 17.11 -16.72 -2.96
C GLY C 25 16.36 -17.51 -1.93
N ILE C 26 15.04 -17.55 -2.07
CA ILE C 26 14.15 -18.30 -1.19
C ILE C 26 13.81 -19.63 -1.86
N PHE C 27 14.20 -20.73 -1.22
CA PHE C 27 13.99 -22.06 -1.77
C PHE C 27 12.72 -22.72 -1.27
N ASN C 28 12.22 -22.33 -0.08
CA ASN C 28 10.99 -22.87 0.43
C ASN C 28 10.46 -21.91 1.49
N ILE C 29 9.14 -21.90 1.65
CA ILE C 29 8.50 -20.99 2.58
C ILE C 29 7.10 -21.52 2.86
N SER C 30 6.67 -21.41 4.12
CA SER C 30 5.32 -21.80 4.50
C SER C 30 4.91 -21.04 5.75
N SER C 31 3.62 -21.09 6.06
CA SER C 31 3.06 -20.40 7.22
C SER C 31 1.76 -21.06 7.67
N PRO C 32 1.58 -21.27 8.98
CA PRO C 32 0.27 -21.77 9.45
C PRO C 32 -0.86 -20.76 9.32
N THR C 33 -0.56 -19.46 9.23
CA THR C 33 -1.60 -18.43 9.24
C THR C 33 -1.55 -17.45 8.09
N CYS C 34 -0.53 -17.48 7.24
CA CYS C 34 -0.36 -16.52 6.15
C CYS C 34 -0.43 -17.23 4.82
N LEU C 35 -0.82 -16.49 3.78
CA LEU C 35 -1.10 -17.07 2.47
C LEU C 35 0.19 -17.13 1.67
N VAL C 36 1.02 -18.11 1.99
CA VAL C 36 2.28 -18.34 1.29
C VAL C 36 2.66 -19.81 1.41
N ASN C 37 3.04 -20.42 0.30
CA ASN C 37 3.47 -21.81 0.32
C ASN C 37 4.26 -22.08 -0.95
N LYS C 38 5.58 -22.33 -0.81
CA LYS C 38 6.43 -22.66 -1.94
C LYS C 38 7.33 -23.83 -1.58
N VAL C 39 7.48 -24.77 -2.52
CA VAL C 39 8.37 -25.90 -2.35
C VAL C 39 9.61 -25.74 -3.23
N SER C 45 13.55 -20.39 -7.62
CA SER C 45 14.30 -19.63 -6.63
C SER C 45 14.23 -18.11 -6.88
N GLU C 46 13.60 -17.38 -5.97
CA GLU C 46 13.41 -15.94 -6.09
C GLU C 46 13.88 -15.24 -4.83
N GLN C 47 14.41 -14.02 -5.01
CA GLN C 47 14.95 -13.26 -3.87
C GLN C 47 13.85 -12.81 -2.92
N LYS C 48 12.66 -12.54 -3.44
CA LYS C 48 11.63 -11.81 -2.71
C LYS C 48 10.29 -12.46 -2.95
N ILE C 49 9.48 -12.56 -1.91
CA ILE C 49 8.12 -13.06 -1.99
C ILE C 49 7.25 -12.16 -1.13
N ASN C 50 6.20 -11.59 -1.71
CA ASN C 50 5.22 -10.79 -0.98
C ASN C 50 3.97 -11.62 -0.73
N PHE C 51 3.44 -11.53 0.48
CA PHE C 51 2.28 -12.32 0.86
C PHE C 51 1.51 -11.57 1.94
N ILE C 52 0.30 -12.03 2.20
CA ILE C 52 -0.53 -11.41 3.23
C ILE C 52 -0.89 -12.45 4.27
N CYS C 53 -1.22 -11.95 5.46
CA CYS C 53 -1.79 -12.73 6.55
C CYS C 53 -3.15 -12.12 6.87
N GLN C 54 -4.21 -12.92 6.74
CA GLN C 54 -5.55 -12.37 6.86
C GLN C 54 -5.86 -11.95 8.30
N ARG C 55 -5.20 -12.55 9.27
CA ARG C 55 -5.40 -12.20 10.68
C ARG C 55 -4.04 -12.19 11.35
N VAL C 56 -3.91 -11.37 12.39
CA VAL C 56 -2.70 -11.39 13.20
C VAL C 56 -3.08 -11.61 14.65
N ASP C 57 -4.22 -12.27 14.89
CA ASP C 57 -4.59 -12.63 16.27
C ASP C 57 -3.51 -13.49 16.89
N GLN C 58 -2.96 -14.41 16.11
CA GLN C 58 -1.71 -15.04 16.44
C GLN C 58 -0.59 -14.29 15.73
N ASP C 59 0.57 -14.26 16.35
CA ASP C 59 1.72 -13.63 15.73
C ASP C 59 2.04 -14.29 14.39
N VAL C 60 2.66 -13.53 13.50
CA VAL C 60 3.02 -14.00 12.16
C VAL C 60 4.16 -15.00 12.29
N VAL C 61 3.89 -16.27 12.00
CA VAL C 61 4.92 -17.32 11.99
C VAL C 61 5.18 -17.71 10.54
N VAL C 62 6.44 -17.58 10.11
CA VAL C 62 6.85 -17.90 8.75
C VAL C 62 8.07 -18.80 8.77
N TYR C 63 8.01 -19.90 8.03
CA TYR C 63 9.16 -20.77 7.83
C TYR C 63 9.79 -20.43 6.50
N CYS C 64 11.10 -20.19 6.50
CA CYS C 64 11.77 -19.76 5.28
C CYS C 64 13.19 -20.29 5.29
N ASN C 65 13.54 -21.10 4.28
CA ASN C 65 14.90 -21.59 4.10
C ASN C 65 15.39 -22.37 5.32
N GLY C 66 14.49 -23.09 5.99
CA GLY C 66 14.86 -23.87 7.15
C GLY C 66 14.97 -23.11 8.45
N GLN C 67 14.43 -21.88 8.51
CA GLN C 67 14.42 -21.08 9.71
C GLN C 67 12.99 -20.77 10.13
N LYS C 68 12.73 -20.76 11.43
CA LYS C 68 11.42 -20.37 11.94
C LYS C 68 11.48 -18.89 12.28
N LYS C 69 10.70 -18.09 11.56
CA LYS C 69 10.60 -16.65 11.80
C LYS C 69 9.31 -16.36 12.56
N VAL C 70 9.41 -15.60 13.64
CA VAL C 70 8.24 -15.16 14.40
C VAL C 70 8.30 -13.65 14.51
N ILE C 71 7.37 -12.96 13.87
CA ILE C 71 7.20 -11.52 14.01
C ILE C 71 6.00 -11.32 14.92
N LEU C 72 6.23 -10.87 16.14
CA LEU C 72 5.12 -10.68 17.07
C LEU C 72 4.18 -9.60 16.56
N THR C 73 2.88 -9.82 16.77
CA THR C 73 1.91 -8.75 16.51
C THR C 73 2.28 -7.51 17.30
N LYS C 74 2.80 -7.69 18.52
CA LYS C 74 3.24 -6.54 19.31
C LYS C 74 4.31 -5.75 18.56
N THR C 75 5.23 -6.46 17.90
CA THR C 75 6.25 -5.79 17.11
C THR C 75 5.62 -5.05 15.94
N LEU C 76 4.58 -5.64 15.33
CA LEU C 76 3.88 -4.96 14.24
C LEU C 76 3.17 -3.70 14.74
N VAL C 77 2.67 -3.73 15.96
CA VAL C 77 1.96 -2.56 16.48
C VAL C 77 2.97 -1.47 16.87
N ILE C 78 4.13 -1.87 17.39
CA ILE C 78 5.20 -0.90 17.61
C ILE C 78 5.55 -0.17 16.31
N GLY C 79 5.69 -0.91 15.21
CA GLY C 79 5.97 -0.26 13.92
C GLY C 79 4.85 0.64 13.44
N GLN C 80 3.59 0.26 13.69
CA GLN C 80 2.46 1.12 13.35
C GLN C 80 2.42 2.36 14.23
N CYS C 81 2.83 2.22 15.50
CA CYS C 81 2.97 3.37 16.37
C CYS C 81 3.95 4.37 15.76
N ILE C 82 5.09 3.88 15.29
CA ILE C 82 6.08 4.78 14.71
C ILE C 82 5.51 5.50 13.50
N TYR C 83 4.76 4.78 12.67
CA TYR C 83 4.12 5.39 11.51
C TYR C 83 3.14 6.47 11.93
N THR C 84 2.30 6.15 12.92
CA THR C 84 1.23 7.05 13.36
C THR C 84 1.78 8.32 13.99
N PHE C 85 2.75 8.16 14.90
CA PHE C 85 3.30 9.34 15.55
C PHE C 85 4.21 10.13 14.62
N THR C 86 4.91 9.47 13.69
CA THR C 86 5.63 10.24 12.67
C THR C 86 4.70 11.18 11.93
N SER C 87 3.49 10.69 11.58
CA SER C 87 2.53 11.52 10.86
C SER C 87 2.00 12.64 11.75
N LEU C 88 1.68 12.30 12.99
CA LEU C 88 1.25 13.30 13.97
C LEU C 88 2.26 14.43 14.08
N PHE C 89 3.55 14.12 14.02
CA PHE C 89 4.60 15.11 14.22
C PHE C 89 5.15 15.67 12.91
N SER C 90 4.48 15.39 11.78
CA SER C 90 5.13 15.56 10.47
C SER C 90 5.34 17.03 10.08
N LEU C 91 4.79 17.98 10.83
CA LEU C 91 5.13 19.38 10.61
C LEU C 91 6.51 19.73 11.15
N MET C 92 7.14 18.80 11.87
CA MET C 92 8.50 18.96 12.37
C MET C 92 9.36 17.87 11.73
N PRO C 93 9.56 17.92 10.42
CA PRO C 93 10.11 16.76 9.71
C PRO C 93 11.53 16.39 10.12
N ASP C 94 12.28 17.29 10.76
CA ASP C 94 13.64 16.96 11.21
C ASP C 94 13.64 15.98 12.39
N VAL C 95 12.61 16.00 13.23
CA VAL C 95 12.62 15.21 14.47
C VAL C 95 11.45 14.24 14.57
N ALA C 96 10.48 14.32 13.67
CA ALA C 96 9.25 13.53 13.80
C ALA C 96 9.52 12.04 13.93
N HIS C 97 10.42 11.48 13.11
CA HIS C 97 10.67 10.05 13.18
C HIS C 97 11.35 9.65 14.48
N SER C 98 12.40 10.38 14.88
CA SER C 98 13.08 9.98 16.10
C SER C 98 12.21 10.20 17.33
N LEU C 99 11.36 11.24 17.33
CA LEU C 99 10.39 11.41 18.40
C LEU C 99 9.43 10.23 18.45
N ALA C 100 8.97 9.77 17.29
CA ALA C 100 8.05 8.64 17.24
C ALA C 100 8.71 7.37 17.76
N VAL C 101 9.96 7.12 17.37
CA VAL C 101 10.69 5.97 17.89
C VAL C 101 10.82 6.05 19.41
N GLU C 102 11.12 7.25 19.93
CA GLU C 102 11.31 7.40 21.38
C GLU C 102 10.02 7.07 22.15
N LEU C 103 8.87 7.53 21.64
CA LEU C 103 7.60 7.24 22.31
C LEU C 103 7.23 5.77 22.20
N CYS C 104 7.46 5.17 21.03
CA CYS C 104 6.81 3.92 20.63
C CYS C 104 7.58 2.66 20.97
N VAL C 105 8.91 2.72 21.09
CA VAL C 105 9.72 1.52 21.29
C VAL C 105 9.90 1.35 22.80
N PRO C 106 9.28 0.34 23.40
CA PRO C 106 9.35 0.16 24.86
C PRO C 106 10.79 0.04 25.35
N GLY C 107 11.15 0.89 26.30
CA GLY C 107 12.50 0.89 26.82
C GLY C 107 13.25 2.18 26.55
N LEU C 108 13.17 2.68 25.32
CA LEU C 108 13.87 3.90 24.93
C LEU C 108 13.22 5.14 25.56
N CYS D 5 -7.51 3.40 -21.86
CA CYS D 5 -7.65 2.34 -20.88
C CYS D 5 -8.21 2.93 -19.58
N THR D 6 -8.20 2.15 -18.50
CA THR D 6 -8.70 2.58 -17.19
C THR D 6 -7.53 2.92 -16.28
N VAL D 7 -7.65 4.00 -15.52
CA VAL D 7 -6.61 4.41 -14.59
C VAL D 7 -7.24 4.66 -13.23
N PHE D 8 -6.66 4.07 -12.19
CA PHE D 8 -7.10 4.23 -10.81
C PHE D 8 -5.86 4.54 -9.98
N CYS D 9 -5.91 5.62 -9.20
CA CYS D 9 -4.81 5.99 -8.32
C CYS D 9 -5.37 6.28 -6.93
N THR D 10 -4.53 6.06 -5.92
CA THR D 10 -4.77 6.54 -4.58
C THR D 10 -3.56 7.33 -4.12
N LEU D 11 -3.74 8.17 -3.10
CA LEU D 11 -2.65 9.02 -2.66
C LEU D 11 -1.59 8.21 -1.94
N ALA D 12 -0.33 8.63 -2.11
CA ALA D 12 0.83 7.99 -1.50
C ALA D 12 1.85 9.08 -1.21
N GLY D 13 2.11 9.34 0.08
CA GLY D 13 2.94 10.44 0.46
C GLY D 13 2.52 11.70 -0.26
N PRO D 14 3.46 12.35 -0.95
CA PRO D 14 3.13 13.59 -1.66
C PRO D 14 2.54 13.36 -3.03
N GLY D 15 2.49 12.11 -3.49
CA GLY D 15 2.10 11.78 -4.85
C GLY D 15 0.99 10.75 -4.88
N ALA D 16 1.13 9.79 -5.78
CA ALA D 16 0.07 8.83 -5.99
C ALA D 16 0.66 7.49 -6.41
N SER D 17 -0.06 6.43 -6.07
CA SER D 17 0.22 5.07 -6.52
C SER D 17 -0.90 4.67 -7.48
N CYS D 18 -0.54 4.23 -8.68
CA CYS D 18 -1.52 4.09 -9.74
C CYS D 18 -1.48 2.72 -10.37
N GLU D 19 -2.60 2.40 -11.02
CA GLU D 19 -2.71 1.21 -11.85
C GLU D 19 -3.44 1.61 -13.12
N ALA D 20 -2.93 1.13 -14.25
CA ALA D 20 -3.61 1.24 -15.53
C ALA D 20 -3.97 -0.16 -16.02
N TYR D 21 -5.11 -0.25 -16.72
CA TYR D 21 -5.69 -1.53 -17.08
C TYR D 21 -6.37 -1.41 -18.44
N SER D 22 -6.10 -2.33 -19.35
CA SER D 22 -6.84 -2.41 -20.60
C SER D 22 -7.11 -3.87 -20.91
N GLU D 23 -8.39 -4.18 -21.18
CA GLU D 23 -8.81 -5.57 -21.35
C GLU D 23 -8.01 -6.27 -22.45
N ASN D 24 -7.78 -5.60 -23.57
CA ASN D 24 -7.03 -6.16 -24.69
C ASN D 24 -5.54 -5.99 -24.55
N GLY D 25 -5.07 -5.52 -23.41
CA GLY D 25 -3.64 -5.35 -23.24
C GLY D 25 -3.23 -3.89 -23.39
N ILE D 26 -2.23 -3.51 -22.61
CA ILE D 26 -1.63 -2.18 -22.70
C ILE D 26 -0.39 -2.30 -23.57
N PHE D 27 -0.38 -1.53 -24.66
CA PHE D 27 0.74 -1.54 -25.60
C PHE D 27 1.60 -0.29 -25.51
N ASN D 28 0.99 0.87 -25.25
CA ASN D 28 1.70 2.13 -25.12
C ASN D 28 1.20 2.82 -23.87
N ILE D 29 2.12 3.29 -23.03
CA ILE D 29 1.71 4.03 -21.84
C ILE D 29 2.83 4.96 -21.43
N SER D 30 2.49 6.22 -21.19
CA SER D 30 3.47 7.24 -20.80
C SER D 30 2.74 8.32 -20.02
N SER D 31 3.52 9.26 -19.47
CA SER D 31 2.96 10.29 -18.60
C SER D 31 3.90 11.48 -18.56
N PRO D 32 3.38 12.72 -18.59
CA PRO D 32 4.27 13.87 -18.43
C PRO D 32 4.89 13.99 -17.05
N THR D 33 4.36 13.30 -16.02
CA THR D 33 4.87 13.45 -14.67
C THR D 33 5.08 12.12 -13.95
N CYS D 34 4.31 11.10 -14.29
CA CYS D 34 4.43 9.84 -13.58
C CYS D 34 5.52 8.97 -14.21
N LEU D 35 6.04 8.04 -13.42
CA LEU D 35 7.19 7.23 -13.81
C LEU D 35 6.69 6.01 -14.55
N VAL D 36 6.27 6.21 -15.79
CA VAL D 36 5.82 5.09 -16.61
C VAL D 36 6.09 5.45 -18.07
N ASN D 37 6.68 4.52 -18.80
CA ASN D 37 7.05 4.77 -20.20
C ASN D 37 7.28 3.42 -20.88
N LYS D 38 6.28 2.95 -21.61
CA LYS D 38 6.37 1.68 -22.33
C LYS D 38 5.88 1.88 -23.75
N VAL D 39 6.61 1.32 -24.72
CA VAL D 39 6.24 1.37 -26.13
C VAL D 39 6.48 -0.01 -26.72
N GLN D 40 5.39 -0.71 -27.10
CA GLN D 40 5.40 -1.85 -28.04
C GLN D 40 3.99 -2.41 -28.16
N GLY D 44 1.25 -8.87 -28.41
CA GLY D 44 0.46 -8.59 -27.22
C GLY D 44 1.29 -8.16 -26.03
N SER D 45 0.62 -7.79 -24.93
CA SER D 45 1.29 -7.39 -23.72
C SER D 45 0.30 -7.51 -22.56
N GLU D 46 0.71 -7.03 -21.38
CA GLU D 46 -0.03 -7.30 -20.16
C GLU D 46 -1.26 -6.41 -20.03
N GLN D 47 -2.29 -6.95 -19.37
CA GLN D 47 -3.51 -6.19 -19.17
C GLN D 47 -3.32 -5.00 -18.22
N LYS D 48 -2.35 -5.06 -17.31
CA LYS D 48 -2.29 -4.02 -16.28
C LYS D 48 -0.85 -3.70 -15.94
N ILE D 49 -0.60 -2.44 -15.59
CA ILE D 49 0.69 -1.97 -15.13
C ILE D 49 0.50 -1.04 -13.94
N ASN D 50 1.33 -1.22 -12.92
CA ASN D 50 1.35 -0.36 -11.73
C ASN D 50 2.50 0.63 -11.86
N PHE D 51 2.26 1.86 -11.46
CA PHE D 51 3.27 2.90 -11.53
C PHE D 51 2.95 3.93 -10.46
N ILE D 52 3.93 4.77 -10.15
CA ILE D 52 3.73 5.81 -9.16
C ILE D 52 3.94 7.16 -9.83
N CYS D 53 3.41 8.19 -9.17
CA CYS D 53 3.62 9.59 -9.54
C CYS D 53 4.21 10.28 -8.32
N GLN D 54 5.34 10.95 -8.50
CA GLN D 54 6.04 11.50 -7.35
C GLN D 54 5.33 12.72 -6.76
N ARG D 55 4.60 13.46 -7.60
CA ARG D 55 3.83 14.63 -7.18
C ARG D 55 2.46 14.58 -7.84
N VAL D 56 1.48 15.24 -7.21
CA VAL D 56 0.14 15.38 -7.80
C VAL D 56 -0.26 16.84 -7.77
N ASP D 57 0.73 17.74 -7.85
CA ASP D 57 0.45 19.15 -8.02
C ASP D 57 -0.29 19.43 -9.32
N GLN D 58 -0.05 18.65 -10.37
CA GLN D 58 -0.58 18.89 -11.71
C GLN D 58 -1.43 17.72 -12.20
N ASP D 59 -2.26 17.17 -11.31
CA ASP D 59 -3.14 16.05 -11.64
C ASP D 59 -2.35 14.84 -12.13
N VAL D 60 -3.04 13.77 -12.50
CA VAL D 60 -2.40 12.59 -13.05
C VAL D 60 -2.82 12.47 -14.51
N VAL D 61 -1.87 12.68 -15.41
CA VAL D 61 -2.11 12.60 -16.84
C VAL D 61 -1.38 11.37 -17.37
N VAL D 62 -2.14 10.45 -17.97
CA VAL D 62 -1.58 9.23 -18.55
C VAL D 62 -2.01 9.13 -20.01
N TYR D 63 -1.04 8.92 -20.90
CA TYR D 63 -1.32 8.59 -22.29
C TYR D 63 -1.23 7.07 -22.42
N CYS D 64 -2.37 6.42 -22.63
CA CYS D 64 -2.47 4.96 -22.65
C CYS D 64 -3.19 4.52 -23.90
N ASN D 65 -2.51 3.72 -24.73
CA ASN D 65 -3.08 3.17 -25.96
C ASN D 65 -3.71 4.27 -26.82
N GLY D 66 -2.95 5.35 -27.01
CA GLY D 66 -3.39 6.46 -27.83
C GLY D 66 -4.41 7.40 -27.22
N GLN D 67 -4.92 7.14 -26.01
CA GLN D 67 -5.91 8.02 -25.42
C GLN D 67 -5.35 8.72 -24.20
N LYS D 68 -5.72 9.99 -24.03
CA LYS D 68 -5.22 10.81 -22.95
C LYS D 68 -6.15 10.71 -21.75
N LYS D 69 -5.66 10.15 -20.66
CA LYS D 69 -6.43 10.03 -19.43
C LYS D 69 -6.00 11.08 -18.43
N VAL D 70 -6.97 11.72 -17.76
CA VAL D 70 -6.68 12.72 -16.75
C VAL D 70 -7.49 12.36 -15.51
N ILE D 71 -6.80 11.95 -14.45
CA ILE D 71 -7.43 11.81 -13.15
C ILE D 71 -7.07 13.06 -12.36
N LEU D 72 -8.07 13.89 -12.07
CA LEU D 72 -7.81 15.14 -11.37
C LEU D 72 -7.35 14.86 -9.94
N THR D 73 -6.45 15.70 -9.44
CA THR D 73 -6.08 15.62 -8.03
C THR D 73 -7.31 15.79 -7.14
N LYS D 74 -8.20 16.70 -7.51
CA LYS D 74 -9.48 16.86 -6.79
C LYS D 74 -10.21 15.53 -6.67
N THR D 75 -10.22 14.74 -7.74
CA THR D 75 -10.86 13.42 -7.71
C THR D 75 -10.10 12.48 -6.77
N LEU D 76 -8.77 12.51 -6.81
CA LEU D 76 -8.01 11.70 -5.87
C LEU D 76 -8.34 12.08 -4.43
N VAL D 77 -8.57 13.37 -4.17
CA VAL D 77 -8.83 13.81 -2.81
C VAL D 77 -10.24 13.41 -2.35
N ILE D 78 -11.24 13.53 -3.22
CA ILE D 78 -12.56 12.93 -2.93
C ILE D 78 -12.42 11.47 -2.53
N GLY D 79 -11.58 10.72 -3.25
CA GLY D 79 -11.39 9.32 -2.91
C GLY D 79 -10.74 9.12 -1.56
N GLN D 80 -9.74 9.96 -1.21
CA GLN D 80 -9.14 9.90 0.11
C GLN D 80 -10.13 10.34 1.19
N CYS D 81 -11.02 11.28 0.86
CA CYS D 81 -12.07 11.66 1.80
C CYS D 81 -12.92 10.45 2.16
N ILE D 82 -13.27 9.64 1.16
CA ILE D 82 -14.09 8.45 1.40
C ILE D 82 -13.33 7.44 2.26
N TYR D 83 -12.04 7.22 1.96
CA TYR D 83 -11.21 6.36 2.80
C TYR D 83 -11.20 6.88 4.24
N THR D 84 -10.98 8.18 4.42
CA THR D 84 -10.81 8.75 5.75
C THR D 84 -12.11 8.68 6.56
N PHE D 85 -13.23 9.08 5.96
CA PHE D 85 -14.47 9.05 6.74
C PHE D 85 -15.00 7.64 6.91
N THR D 86 -14.73 6.73 5.96
CA THR D 86 -15.08 5.33 6.22
C THR D 86 -14.38 4.83 7.48
N SER D 87 -13.09 5.16 7.62
CA SER D 87 -12.37 4.77 8.84
C SER D 87 -12.98 5.42 10.08
N LEU D 88 -13.26 6.72 10.01
CA LEU D 88 -13.84 7.42 11.15
C LEU D 88 -15.16 6.78 11.60
N PHE D 89 -15.96 6.33 10.64
CA PHE D 89 -17.25 5.72 10.92
C PHE D 89 -17.20 4.21 11.09
N SER D 90 -15.99 3.62 11.21
CA SER D 90 -15.87 2.19 11.02
C SER D 90 -16.43 1.35 12.17
N LEU D 91 -16.85 1.97 13.29
CA LEU D 91 -17.59 1.23 14.30
C LEU D 91 -19.04 0.96 13.89
N MET D 92 -19.47 1.53 12.76
CA MET D 92 -20.80 1.31 12.22
C MET D 92 -20.63 0.76 10.81
N PRO D 93 -20.18 -0.49 10.68
CA PRO D 93 -19.69 -0.96 9.38
C PRO D 93 -20.78 -1.14 8.34
N ASP D 94 -22.06 -1.21 8.74
CA ASP D 94 -23.13 -1.30 7.75
C ASP D 94 -23.32 0.01 6.98
N VAL D 95 -22.97 1.14 7.57
CA VAL D 95 -23.30 2.44 6.98
C VAL D 95 -22.08 3.31 6.72
N ALA D 96 -20.90 2.94 7.24
CA ALA D 96 -19.72 3.80 7.15
C ALA D 96 -19.39 4.22 5.72
N HIS D 97 -19.37 3.26 4.79
CA HIS D 97 -19.02 3.61 3.42
C HIS D 97 -20.04 4.56 2.81
N SER D 98 -21.33 4.26 2.99
CA SER D 98 -22.39 5.09 2.41
C SER D 98 -22.38 6.49 2.99
N LEU D 99 -22.22 6.61 4.32
CA LEU D 99 -22.06 7.90 4.96
C LEU D 99 -20.90 8.68 4.36
N ALA D 100 -19.76 8.01 4.20
CA ALA D 100 -18.57 8.71 3.72
C ALA D 100 -18.75 9.20 2.29
N VAL D 101 -19.36 8.38 1.45
CA VAL D 101 -19.70 8.82 0.10
C VAL D 101 -20.63 10.03 0.16
N GLU D 102 -21.67 9.97 0.99
CA GLU D 102 -22.62 11.07 1.08
C GLU D 102 -21.93 12.38 1.45
N LEU D 103 -20.99 12.32 2.40
CA LEU D 103 -20.31 13.54 2.83
C LEU D 103 -19.29 14.01 1.80
N CYS D 104 -18.62 13.07 1.12
CA CYS D 104 -17.39 13.40 0.40
C CYS D 104 -17.60 13.75 -1.07
N VAL D 105 -18.65 13.25 -1.70
CA VAL D 105 -18.82 13.38 -3.14
C VAL D 105 -19.62 14.65 -3.41
N PRO D 106 -19.03 15.70 -3.98
CA PRO D 106 -19.72 16.99 -4.12
C PRO D 106 -21.06 16.86 -4.83
N GLY D 107 -22.06 17.54 -4.29
CA GLY D 107 -23.38 17.62 -4.88
C GLY D 107 -24.26 16.41 -4.69
N LEU D 108 -23.75 15.34 -4.09
CA LEU D 108 -24.49 14.09 -4.04
C LEU D 108 -25.66 14.20 -3.05
N HIS D 109 -26.73 13.47 -3.35
CA HIS D 109 -27.96 13.52 -2.58
C HIS D 109 -28.56 12.13 -2.41
#